data_6STT
#
_entry.id   6STT
#
_cell.length_a   104.236
_cell.length_b   104.236
_cell.length_c   104.236
_cell.angle_alpha   90.000
_cell.angle_beta   90.000
_cell.angle_gamma   90.000
#
_symmetry.space_group_name_H-M   'P 2 3'
#
loop_
_entity.id
_entity.type
_entity.pdbx_description
1 polymer Fiber
2 non-polymer 'N-acetyl-alpha-neuraminic acid'
3 water water
#
_entity_poly.entity_id   1
_entity_poly.type   'polypeptide(L)'
_entity_poly.pdbx_seq_one_letter_code
;LTLWTTLDPSPNCKIDIEKDSKLTLVLTKCGSQILANVSLIIVNGKFKILNNKTDPSLPKSFNIKLLFDQNGVLLENSNI
EKQYLNFRSGDSILPEPYKNAIGFMPNLLAYAKATTDQSKIYARNTIYGNIYLDNQPYNPVVIKITFNNEADSAYSITFN
YSWTKDYDNIPFDSTSFTFSYIAQE
;
_entity_poly.pdbx_strand_id   A,B
#
# COMPACT_ATOMS: atom_id res chain seq x y z
N LEU A 1 -13.80 6.04 -29.88
CA LEU A 1 -14.40 6.58 -28.69
C LEU A 1 -13.37 6.53 -27.55
N THR A 2 -13.66 7.23 -26.48
CA THR A 2 -12.67 7.63 -25.46
C THR A 2 -13.28 7.26 -24.12
N LEU A 3 -12.47 6.64 -23.27
CA LEU A 3 -12.74 6.40 -21.83
C LEU A 3 -11.67 7.19 -21.10
N TRP A 4 -12.09 8.10 -20.24
CA TRP A 4 -11.13 9.09 -19.67
C TRP A 4 -11.57 9.53 -18.28
N THR A 5 -10.58 10.04 -17.55
CA THR A 5 -10.74 10.86 -16.33
C THR A 5 -11.13 12.28 -16.76
N THR A 6 -11.45 13.12 -15.78
CA THR A 6 -11.46 14.58 -16.00
C THR A 6 -10.03 15.02 -16.29
N LEU A 7 -9.89 16.24 -16.81
CA LEU A 7 -8.56 16.73 -17.22
C LEU A 7 -8.08 17.80 -16.23
N ASP A 8 -8.92 18.19 -15.27
CA ASP A 8 -8.54 19.27 -14.34
C ASP A 8 -7.55 18.68 -13.32
N PRO A 9 -7.04 19.50 -12.37
CA PRO A 9 -6.11 19.01 -11.36
C PRO A 9 -6.75 18.32 -10.13
N SER A 10 -8.09 18.26 -10.05
CA SER A 10 -8.86 17.76 -8.88
C SER A 10 -8.50 16.31 -8.62
N PRO A 11 -8.15 15.90 -7.38
CA PRO A 11 -7.73 14.51 -7.14
C PRO A 11 -8.86 13.47 -7.37
N ASN A 12 -8.44 12.30 -7.85
CA ASN A 12 -9.36 11.17 -8.14
C ASN A 12 -8.80 9.84 -7.62
N CYS A 13 -7.73 9.89 -6.83
CA CYS A 13 -6.92 8.67 -6.58
C CYS A 13 -6.40 8.65 -5.14
N LYS A 14 -6.29 7.45 -4.56
CA LYS A 14 -5.63 7.22 -3.26
C LYS A 14 -4.39 6.36 -3.48
N ILE A 15 -3.22 6.94 -3.26
CA ILE A 15 -1.95 6.18 -3.15
C ILE A 15 -1.70 5.87 -1.67
N ASP A 16 -1.60 6.92 -0.87
CA ASP A 16 -1.37 6.87 0.60
C ASP A 16 -2.68 7.21 1.33
N ILE A 17 -3.13 8.47 1.20
CA ILE A 17 -4.36 8.95 1.89
C ILE A 17 -5.42 9.27 0.84
N GLU A 18 -6.68 9.41 1.31
CA GLU A 18 -7.84 9.61 0.42
C GLU A 18 -7.58 10.82 -0.47
N LYS A 19 -7.85 10.68 -1.77
CA LYS A 19 -7.83 11.83 -2.72
C LYS A 19 -6.49 12.56 -2.59
N ASP A 20 -5.39 11.81 -2.58
CA ASP A 20 -4.07 12.44 -2.46
C ASP A 20 -3.47 12.67 -3.84
N SER A 21 -4.15 12.28 -4.90
CA SER A 21 -3.49 12.35 -6.22
C SER A 21 -4.49 12.43 -7.37
N LYS A 22 -4.02 12.95 -8.49
CA LYS A 22 -4.80 13.03 -9.76
C LYS A 22 -4.05 12.22 -10.81
N LEU A 23 -4.59 11.05 -11.14
CA LEU A 23 -4.16 10.29 -12.33
C LEU A 23 -5.00 10.80 -13.50
N THR A 24 -4.37 11.45 -14.46
CA THR A 24 -5.07 11.88 -15.69
C THR A 24 -4.82 10.78 -16.72
N LEU A 25 -5.88 10.08 -17.12
CA LEU A 25 -5.77 8.93 -18.04
C LEU A 25 -6.79 9.09 -19.16
N VAL A 26 -6.29 9.09 -20.40
CA VAL A 26 -7.11 9.16 -21.61
C VAL A 26 -6.83 7.91 -22.45
N LEU A 27 -7.87 7.10 -22.62
CA LEU A 27 -7.83 5.87 -23.44
C LEU A 27 -8.66 6.11 -24.69
N THR A 28 -8.04 6.05 -25.85
CA THR A 28 -8.70 6.27 -27.15
C THR A 28 -8.68 4.94 -27.90
N LYS A 29 -9.85 4.45 -28.26
CA LYS A 29 -9.97 3.21 -29.04
C LYS A 29 -9.69 3.52 -30.51
N CYS A 30 -8.62 2.94 -31.04
CA CYS A 30 -8.19 3.03 -32.47
C CYS A 30 -8.19 1.60 -33.02
N GLY A 31 -9.38 1.13 -33.34
CA GLY A 31 -9.63 -0.27 -33.73
C GLY A 31 -9.13 -1.23 -32.67
N SER A 32 -8.20 -2.07 -33.05
CA SER A 32 -7.71 -3.21 -32.24
C SER A 32 -6.78 -2.72 -31.12
N GLN A 33 -6.39 -1.44 -31.11
CA GLN A 33 -5.41 -0.90 -30.13
C GLN A 33 -6.03 0.25 -29.35
N ILE A 34 -5.69 0.31 -28.08
CA ILE A 34 -5.99 1.47 -27.21
C ILE A 34 -4.76 2.38 -27.22
N LEU A 35 -4.94 3.65 -27.62
CA LEU A 35 -3.90 4.70 -27.53
C LEU A 35 -4.08 5.34 -26.15
N ALA A 36 -3.06 5.32 -25.31
CA ALA A 36 -3.20 5.72 -23.91
C ALA A 36 -2.26 6.87 -23.60
N ASN A 37 -2.75 7.81 -22.80
CA ASN A 37 -1.97 9.00 -22.38
C ASN A 37 -2.17 9.11 -20.87
N VAL A 38 -1.07 9.16 -20.10
CA VAL A 38 -1.16 9.17 -18.61
C VAL A 38 -0.21 10.22 -18.03
N SER A 39 -0.68 10.88 -16.98
CA SER A 39 0.18 11.71 -16.11
C SER A 39 -0.30 11.53 -14.68
N LEU A 40 0.52 11.94 -13.73
CA LEU A 40 0.20 11.82 -12.30
C LEU A 40 0.68 13.08 -11.58
N ILE A 41 -0.20 13.70 -10.81
CA ILE A 41 0.13 14.77 -9.85
C ILE A 41 -0.25 14.24 -8.48
N ILE A 42 0.67 14.30 -7.54
CA ILE A 42 0.37 13.95 -6.12
C ILE A 42 0.22 15.25 -5.33
N VAL A 43 -0.92 15.41 -4.68
CA VAL A 43 -1.33 16.71 -4.08
C VAL A 43 -1.32 16.65 -2.57
N ASN A 44 -1.23 15.46 -1.96
CA ASN A 44 -1.24 15.32 -0.48
C ASN A 44 -0.61 13.97 -0.15
N GLY A 45 -0.49 13.69 1.14
CA GLY A 45 0.04 12.40 1.60
C GLY A 45 1.55 12.35 1.47
N LYS A 46 2.13 11.19 1.77
CA LYS A 46 3.59 11.06 2.03
C LYS A 46 4.35 11.15 0.72
N PHE A 47 3.70 10.97 -0.43
CA PHE A 47 4.38 10.99 -1.73
C PHE A 47 4.25 12.36 -2.42
N LYS A 48 3.54 13.31 -1.83
CA LYS A 48 3.41 14.65 -2.45
C LYS A 48 4.80 15.23 -2.76
N ILE A 49 5.64 15.24 -1.74
CA ILE A 49 7.04 15.71 -1.85
C ILE A 49 7.89 14.49 -1.51
N LEU A 50 8.71 14.01 -2.45
CA LEU A 50 9.61 12.87 -2.18
C LEU A 50 10.74 13.39 -1.28
N ASN A 51 10.79 12.83 -0.07
CA ASN A 51 11.79 13.16 0.96
C ASN A 51 12.52 11.87 1.34
N ASN A 52 12.86 11.03 0.35
CA ASN A 52 13.59 9.77 0.61
C ASN A 52 14.90 10.09 1.35
N LYS A 53 15.55 11.20 1.01
CA LYS A 53 16.90 11.46 1.58
C LYS A 53 16.78 11.64 3.11
N THR A 54 15.71 12.29 3.58
CA THR A 54 15.55 12.61 5.02
C THR A 54 14.50 11.70 5.69
N ASP A 55 13.85 10.80 4.94
CA ASP A 55 12.94 9.77 5.50
C ASP A 55 13.22 8.41 4.88
N PRO A 56 14.16 7.64 5.48
CA PRO A 56 14.49 6.31 5.00
C PRO A 56 13.32 5.30 5.07
N SER A 57 12.24 5.62 5.77
CA SER A 57 11.04 4.71 5.84
C SER A 57 10.14 4.94 4.63
N LEU A 58 10.36 6.02 3.86
CA LEU A 58 9.47 6.29 2.70
C LEU A 58 9.82 5.29 1.60
N PRO A 59 8.81 4.61 1.02
CA PRO A 59 9.05 3.77 -0.14
C PRO A 59 9.63 4.53 -1.35
N LYS A 60 10.33 3.78 -2.20
CA LYS A 60 10.85 4.27 -3.49
C LYS A 60 10.03 3.65 -4.64
N SER A 61 8.84 3.15 -4.32
CA SER A 61 7.91 2.66 -5.37
C SER A 61 6.50 2.58 -4.80
N PHE A 62 5.53 2.66 -5.68
CA PHE A 62 4.11 2.48 -5.32
C PHE A 62 3.36 2.09 -6.58
N ASN A 63 2.16 1.52 -6.37
CA ASN A 63 1.28 1.11 -7.48
C ASN A 63 0.01 1.96 -7.49
N ILE A 64 -0.51 2.21 -8.69
CA ILE A 64 -1.90 2.64 -8.92
C ILE A 64 -2.52 1.52 -9.77
N LYS A 65 -3.48 0.82 -9.20
CA LYS A 65 -4.07 -0.38 -9.80
C LYS A 65 -5.47 -0.05 -10.28
N LEU A 66 -5.72 -0.28 -11.56
CA LEU A 66 -7.08 -0.27 -12.15
C LEU A 66 -7.48 -1.73 -12.30
N LEU A 67 -8.24 -2.23 -11.31
CA LEU A 67 -8.76 -3.62 -11.26
C LEU A 67 -10.15 -3.55 -11.86
N PHE A 68 -10.36 -4.24 -12.98
CA PHE A 68 -11.69 -4.24 -13.65
C PHE A 68 -12.42 -5.55 -13.39
N ASP A 69 -13.73 -5.43 -13.14
CA ASP A 69 -14.65 -6.59 -13.22
C ASP A 69 -14.79 -6.98 -14.70
N GLN A 70 -15.47 -8.09 -14.97
N GLN A 70 -15.45 -8.12 -15.00
CA GLN A 70 -15.57 -8.64 -16.36
CA GLN A 70 -15.53 -8.66 -16.39
C GLN A 70 -16.18 -7.57 -17.33
C GLN A 70 -16.13 -7.54 -17.35
N ASN A 71 -17.17 -6.74 -16.69
CA ASN A 71 -17.90 -5.70 -17.47
C ASN A 71 -16.97 -4.53 -17.88
N GLY A 72 -15.74 -4.47 -17.34
CA GLY A 72 -14.84 -3.33 -17.64
C GLY A 72 -15.09 -2.18 -16.69
N VAL A 73 -15.62 -2.47 -15.51
CA VAL A 73 -15.90 -1.45 -14.49
C VAL A 73 -14.89 -1.69 -13.35
N LEU A 74 -14.43 -0.54 -12.79
CA LEU A 74 -13.45 -0.64 -11.69
C LEU A 74 -14.09 -1.35 -10.48
N LEU A 75 -13.28 -2.18 -9.81
CA LEU A 75 -13.54 -2.86 -8.52
C LEU A 75 -13.04 -1.98 -7.37
N GLU A 76 -13.62 -2.17 -6.19
CA GLU A 76 -13.39 -1.29 -5.01
C GLU A 76 -11.91 -1.29 -4.60
N ASN A 77 -11.17 -2.38 -4.80
CA ASN A 77 -9.75 -2.49 -4.32
C ASN A 77 -8.83 -1.67 -5.21
N SER A 78 -9.32 -1.16 -6.35
CA SER A 78 -8.55 -0.22 -7.21
C SER A 78 -8.19 1.05 -6.43
N ASN A 79 -7.17 1.74 -6.91
CA ASN A 79 -6.75 3.01 -6.26
C ASN A 79 -7.70 4.15 -6.64
N ILE A 80 -8.52 3.97 -7.68
CA ILE A 80 -9.49 4.95 -8.22
C ILE A 80 -10.88 4.30 -8.20
N GLU A 81 -11.87 5.06 -7.75
CA GLU A 81 -13.29 4.60 -7.70
C GLU A 81 -13.84 4.53 -9.12
N LYS A 82 -14.82 3.65 -9.34
CA LYS A 82 -15.41 3.42 -10.69
C LYS A 82 -15.99 4.72 -11.28
N GLN A 83 -16.44 5.70 -10.48
CA GLN A 83 -17.07 6.91 -11.08
C GLN A 83 -16.04 7.73 -11.87
N TYR A 84 -14.75 7.49 -11.67
CA TYR A 84 -13.72 8.44 -12.18
C TYR A 84 -13.26 8.10 -13.61
N LEU A 85 -13.84 7.08 -14.25
CA LEU A 85 -13.68 6.79 -15.71
C LEU A 85 -15.05 6.91 -16.39
N ASN A 86 -15.15 7.75 -17.43
CA ASN A 86 -16.39 7.97 -18.23
C ASN A 86 -16.09 7.98 -19.74
N PHE A 87 -17.10 7.66 -20.55
CA PHE A 87 -17.08 7.87 -22.03
C PHE A 87 -17.20 9.36 -22.35
N ARG A 88 -16.42 9.82 -23.34
CA ARG A 88 -16.54 11.18 -23.95
C ARG A 88 -17.75 11.19 -24.90
N SER A 89 -18.60 12.21 -24.83
CA SER A 89 -19.87 12.32 -25.62
C SER A 89 -19.64 12.19 -27.14
N GLY A 90 -20.72 11.95 -27.88
CA GLY A 90 -20.79 12.00 -29.36
C GLY A 90 -19.79 13.01 -29.92
N ASP A 91 -18.57 12.52 -30.22
CA ASP A 91 -17.30 13.29 -30.37
C ASP A 91 -17.51 14.45 -31.37
N LYS A 99 -21.69 -0.19 -17.02
CA LYS A 99 -21.80 0.16 -18.46
C LYS A 99 -21.34 -1.06 -19.29
N ASN A 100 -20.62 -0.83 -20.41
CA ASN A 100 -19.79 -1.86 -21.10
C ASN A 100 -18.50 -1.21 -21.65
N ALA A 101 -17.37 -1.46 -21.00
CA ALA A 101 -16.06 -0.90 -21.40
C ALA A 101 -15.16 -2.05 -21.80
N ILE A 102 -15.73 -3.19 -22.22
CA ILE A 102 -14.90 -4.39 -22.53
C ILE A 102 -13.99 -4.06 -23.73
N GLY A 103 -14.45 -3.21 -24.65
CA GLY A 103 -13.62 -2.70 -25.78
C GLY A 103 -12.35 -1.94 -25.34
N PHE A 104 -12.21 -1.56 -24.07
CA PHE A 104 -11.03 -0.82 -23.55
C PHE A 104 -10.13 -1.74 -22.71
N MET A 105 -10.53 -3.00 -22.55
CA MET A 105 -9.85 -3.93 -21.64
C MET A 105 -8.67 -4.56 -22.37
N PRO A 106 -7.58 -4.84 -21.63
CA PRO A 106 -6.42 -5.50 -22.22
C PRO A 106 -6.74 -6.93 -22.66
N ASN A 107 -6.40 -7.20 -23.90
CA ASN A 107 -6.70 -8.47 -24.58
C ASN A 107 -6.19 -9.67 -23.79
N LEU A 108 -7.04 -10.66 -23.57
CA LEU A 108 -6.70 -11.83 -22.73
C LEU A 108 -5.78 -12.78 -23.47
N LEU A 109 -5.85 -12.86 -24.80
CA LEU A 109 -4.93 -13.77 -25.50
C LEU A 109 -3.52 -13.15 -25.54
N ALA A 110 -3.43 -11.85 -25.82
CA ALA A 110 -2.13 -11.18 -25.90
C ALA A 110 -1.52 -11.09 -24.51
N TYR A 111 -2.36 -10.80 -23.52
CA TYR A 111 -1.93 -10.54 -22.13
C TYR A 111 -2.64 -11.52 -21.20
N ALA A 112 -2.17 -12.76 -21.22
CA ALA A 112 -2.82 -13.85 -20.48
C ALA A 112 -2.49 -13.70 -19.02
N LYS A 113 -3.42 -14.11 -18.15
CA LYS A 113 -3.10 -14.21 -16.70
C LYS A 113 -2.01 -15.26 -16.49
N ALA A 114 -1.25 -15.16 -15.42
CA ALA A 114 -0.37 -16.25 -14.94
C ALA A 114 -1.21 -17.52 -14.88
N THR A 115 -0.67 -18.64 -15.39
CA THR A 115 -1.38 -19.95 -15.51
C THR A 115 -1.62 -20.55 -14.11
N THR A 116 -0.75 -20.22 -13.16
CA THR A 116 -0.42 -21.06 -12.00
C THR A 116 0.16 -20.16 -10.90
N ASP A 117 0.01 -20.56 -9.63
CA ASP A 117 0.58 -19.88 -8.43
C ASP A 117 2.09 -19.69 -8.62
N GLN A 118 2.75 -20.67 -9.27
CA GLN A 118 4.22 -20.76 -9.47
C GLN A 118 4.63 -20.31 -10.88
N SER A 119 3.67 -19.90 -11.72
CA SER A 119 3.95 -19.38 -13.08
C SER A 119 3.93 -17.85 -13.05
N LYS A 120 4.45 -17.23 -14.09
CA LYS A 120 4.35 -15.76 -14.19
C LYS A 120 3.89 -15.44 -15.60
N ILE A 121 3.48 -14.21 -15.77
CA ILE A 121 3.03 -13.67 -17.08
C ILE A 121 4.25 -13.61 -18.02
N TYR A 122 3.96 -13.58 -19.32
CA TYR A 122 4.95 -13.22 -20.34
C TYR A 122 5.28 -11.73 -20.18
N ALA A 123 6.51 -11.38 -20.54
CA ALA A 123 6.98 -9.99 -20.43
C ALA A 123 6.18 -9.07 -21.35
N ARG A 124 5.55 -9.60 -22.40
CA ARG A 124 4.79 -8.70 -23.31
C ARG A 124 3.61 -8.06 -22.58
N ASN A 125 3.17 -8.60 -21.44
CA ASN A 125 2.10 -7.96 -20.64
C ASN A 125 2.59 -6.62 -20.03
N THR A 126 3.85 -6.26 -20.18
CA THR A 126 4.45 -5.08 -19.51
C THR A 126 5.01 -4.11 -20.55
N ILE A 127 4.87 -2.83 -20.23
CA ILE A 127 5.54 -1.70 -20.90
C ILE A 127 6.39 -0.96 -19.87
N TYR A 128 7.63 -0.66 -20.22
CA TYR A 128 8.48 0.26 -19.43
C TYR A 128 8.59 1.61 -20.12
N GLY A 129 8.58 2.64 -19.30
CA GLY A 129 8.91 4.00 -19.73
C GLY A 129 9.62 4.77 -18.64
N ASN A 130 10.19 5.89 -19.04
CA ASN A 130 10.80 6.85 -18.10
C ASN A 130 10.01 8.15 -18.17
N ILE A 131 9.59 8.61 -17.00
CA ILE A 131 8.94 9.93 -16.84
C ILE A 131 9.77 10.74 -15.84
N TYR A 132 9.43 12.01 -15.69
CA TYR A 132 10.29 12.95 -14.94
C TYR A 132 9.45 13.73 -13.97
N LEU A 133 10.01 13.96 -12.80
CA LEU A 133 9.35 14.75 -11.75
C LEU A 133 9.77 16.22 -11.83
N ASP A 134 8.78 17.08 -11.60
CA ASP A 134 8.98 18.53 -11.52
C ASP A 134 9.60 19.04 -12.81
N ASN A 135 9.32 18.36 -13.92
CA ASN A 135 9.77 18.79 -15.26
C ASN A 135 11.31 18.97 -15.31
N GLN A 136 12.06 18.05 -14.72
CA GLN A 136 13.54 18.07 -14.82
C GLN A 136 14.02 16.72 -15.27
N PRO A 137 14.96 16.68 -16.24
CA PRO A 137 15.44 15.42 -16.78
C PRO A 137 16.34 14.64 -15.82
N TYR A 138 16.74 15.25 -14.72
CA TYR A 138 17.55 14.59 -13.66
C TYR A 138 16.65 14.03 -12.54
N ASN A 139 15.31 14.05 -12.71
CA ASN A 139 14.39 13.41 -11.73
C ASN A 139 13.64 12.26 -12.41
N PRO A 140 14.34 11.22 -12.92
CA PRO A 140 13.62 10.11 -13.55
C PRO A 140 12.83 9.25 -12.55
N VAL A 141 11.73 8.74 -13.05
CA VAL A 141 10.94 7.66 -12.42
C VAL A 141 10.67 6.63 -13.52
N VAL A 142 10.82 5.35 -13.19
CA VAL A 142 10.44 4.24 -14.10
C VAL A 142 8.94 4.03 -13.97
N ILE A 143 8.21 4.20 -15.07
CA ILE A 143 6.77 3.84 -15.09
C ILE A 143 6.67 2.46 -15.74
N LYS A 144 6.11 1.52 -15.01
CA LYS A 144 5.99 0.14 -15.48
C LYS A 144 4.50 -0.18 -15.52
N ILE A 145 3.97 -0.44 -16.71
CA ILE A 145 2.51 -0.67 -16.89
C ILE A 145 2.33 -2.15 -17.20
N THR A 146 1.58 -2.86 -16.37
CA THR A 146 1.38 -4.30 -16.56
C THR A 146 -0.10 -4.61 -16.73
N PHE A 147 -0.42 -5.48 -17.68
CA PHE A 147 -1.82 -5.89 -17.99
C PHE A 147 -2.12 -7.26 -17.41
N ASN A 148 -3.29 -7.39 -16.76
CA ASN A 148 -3.95 -8.68 -16.47
C ASN A 148 -3.08 -9.50 -15.52
N ASN A 149 -2.44 -8.86 -14.55
CA ASN A 149 -1.53 -9.55 -13.61
C ASN A 149 -2.01 -9.40 -12.17
N GLU A 150 -3.29 -9.10 -11.91
CA GLU A 150 -3.78 -8.86 -10.52
C GLU A 150 -4.80 -9.91 -10.08
N ALA A 151 -4.63 -10.41 -8.85
CA ALA A 151 -5.60 -11.28 -8.15
C ALA A 151 -6.97 -10.62 -8.13
N ASP A 152 -8.02 -11.45 -8.14
CA ASP A 152 -9.41 -11.05 -7.79
C ASP A 152 -9.84 -9.92 -8.74
N SER A 153 -9.46 -10.02 -10.01
CA SER A 153 -9.88 -9.05 -11.04
C SER A 153 -10.03 -9.76 -12.39
N ALA A 154 -10.94 -9.30 -13.25
CA ALA A 154 -11.12 -9.91 -14.59
C ALA A 154 -10.02 -9.41 -15.53
N TYR A 155 -9.78 -8.11 -15.48
CA TYR A 155 -8.75 -7.40 -16.26
C TYR A 155 -8.09 -6.43 -15.30
N SER A 156 -6.87 -6.02 -15.62
CA SER A 156 -6.21 -4.97 -14.82
C SER A 156 -5.21 -4.21 -15.68
N ILE A 157 -5.05 -2.95 -15.33
CA ILE A 157 -3.93 -2.09 -15.74
C ILE A 157 -3.29 -1.62 -14.43
N THR A 158 -2.04 -2.00 -14.21
CA THR A 158 -1.29 -1.56 -13.02
C THR A 158 -0.18 -0.62 -13.47
N PHE A 159 -0.15 0.57 -12.87
CA PHE A 159 0.93 1.56 -13.04
C PHE A 159 1.83 1.47 -11.81
N ASN A 160 3.02 0.92 -12.00
CA ASN A 160 4.05 0.89 -10.95
C ASN A 160 5.01 2.04 -11.24
N TYR A 161 5.23 2.85 -10.23
CA TYR A 161 6.17 3.99 -10.25
C TYR A 161 7.32 3.61 -9.33
N SER A 162 8.54 3.63 -9.83
CA SER A 162 9.70 3.32 -8.95
C SER A 162 10.87 4.22 -9.30
N TRP A 163 11.75 4.43 -8.33
CA TRP A 163 12.93 5.30 -8.54
C TRP A 163 14.08 4.80 -7.67
N THR A 164 15.28 5.18 -8.07
CA THR A 164 16.51 4.74 -7.40
C THR A 164 17.16 5.91 -6.65
N LYS A 165 17.00 7.15 -7.10
CA LYS A 165 17.59 8.33 -6.42
C LYS A 165 16.94 8.56 -5.06
N ASP A 166 17.75 8.88 -4.04
CA ASP A 166 17.25 9.31 -2.70
C ASP A 166 16.80 10.76 -2.87
N TYR A 167 15.63 10.96 -3.47
CA TYR A 167 15.15 12.33 -3.80
C TYR A 167 15.05 13.15 -2.54
N ASP A 168 15.38 14.42 -2.68
CA ASP A 168 15.48 15.38 -1.54
C ASP A 168 14.49 16.51 -1.79
N ASN A 169 13.26 16.36 -1.29
CA ASN A 169 12.14 17.36 -1.38
C ASN A 169 11.83 17.67 -2.86
N ILE A 170 11.54 16.63 -3.63
CA ILE A 170 11.11 16.73 -5.05
C ILE A 170 9.61 16.47 -5.15
N PRO A 171 8.81 17.44 -5.67
CA PRO A 171 7.37 17.24 -5.81
C PRO A 171 7.09 16.14 -6.84
N PHE A 172 6.19 15.22 -6.52
CA PHE A 172 5.72 14.19 -7.48
C PHE A 172 4.65 14.81 -8.39
N ASP A 173 5.17 15.56 -9.35
CA ASP A 173 4.43 16.28 -10.42
C ASP A 173 5.04 15.78 -11.73
N SER A 174 4.41 14.76 -12.33
CA SER A 174 5.03 13.91 -13.38
C SER A 174 4.76 14.50 -14.76
N THR A 175 5.71 14.26 -15.66
CA THR A 175 5.55 14.48 -17.09
C THR A 175 4.60 13.41 -17.67
N SER A 176 4.12 13.67 -18.88
CA SER A 176 3.13 12.80 -19.57
C SER A 176 3.85 11.65 -20.28
N PHE A 177 3.13 10.56 -20.49
CA PHE A 177 3.65 9.34 -21.14
C PHE A 177 2.55 8.78 -22.03
N THR A 178 2.94 8.40 -23.23
CA THR A 178 2.04 7.76 -24.22
C THR A 178 2.42 6.29 -24.37
N PHE A 179 1.43 5.43 -24.50
CA PHE A 179 1.64 4.00 -24.80
C PHE A 179 0.40 3.46 -25.50
N SER A 180 0.47 2.21 -25.94
CA SER A 180 -0.70 1.54 -26.53
C SER A 180 -0.71 0.10 -26.04
N TYR A 181 -1.89 -0.51 -26.11
CA TYR A 181 -2.05 -1.95 -25.81
C TYR A 181 -3.16 -2.50 -26.69
N ILE A 182 -3.14 -3.80 -26.82
CA ILE A 182 -4.12 -4.54 -27.67
C ILE A 182 -5.43 -4.70 -26.88
N ALA A 183 -6.55 -4.36 -27.51
CA ALA A 183 -7.90 -4.36 -26.91
C ALA A 183 -8.53 -5.77 -26.94
N GLN A 184 -9.32 -6.09 -25.92
CA GLN A 184 -10.03 -7.41 -25.79
C GLN A 184 -11.00 -7.61 -26.96
N GLU A 185 -11.67 -6.56 -27.42
CA GLU A 185 -12.72 -6.69 -28.47
C GLU A 185 -12.93 -5.30 -29.07
N LEU B 1 -8.41 -8.11 30.15
CA LEU B 1 -6.96 -7.98 30.51
C LEU B 1 -6.02 -8.29 29.34
N THR B 2 -6.31 -9.30 28.51
CA THR B 2 -5.50 -9.58 27.29
C THR B 2 -6.42 -9.39 26.07
N LEU B 3 -5.95 -8.61 25.11
CA LEU B 3 -6.53 -8.46 23.75
C LEU B 3 -5.47 -9.03 22.79
N TRP B 4 -5.83 -10.04 22.02
CA TRP B 4 -4.81 -10.79 21.25
C TRP B 4 -5.40 -11.35 19.95
N THR B 5 -4.49 -11.62 19.02
CA THR B 5 -4.69 -12.50 17.86
C THR B 5 -4.68 -13.95 18.31
N THR B 6 -4.98 -14.85 17.39
CA THR B 6 -4.64 -16.27 17.56
C THR B 6 -3.13 -16.39 17.57
N LEU B 7 -2.62 -17.53 18.03
CA LEU B 7 -1.17 -17.73 18.18
C LEU B 7 -0.67 -18.68 17.09
N ASP B 8 -1.56 -19.25 16.27
CA ASP B 8 -1.13 -20.26 15.27
C ASP B 8 -0.55 -19.50 14.09
N PRO B 9 -0.08 -20.22 13.04
CA PRO B 9 0.51 -19.57 11.87
C PRO B 9 -0.48 -19.05 10.80
N SER B 10 -1.80 -19.27 10.98
CA SER B 10 -2.93 -18.95 10.06
C SER B 10 -2.90 -17.47 9.73
N PRO B 11 -2.88 -17.04 8.45
CA PRO B 11 -2.84 -15.61 8.16
C PRO B 11 -4.09 -14.84 8.64
N ASN B 12 -3.86 -13.60 9.08
CA ASN B 12 -4.92 -12.68 9.57
C ASN B 12 -4.79 -11.28 8.98
N CYS B 13 -3.91 -11.09 8.00
CA CYS B 13 -3.45 -9.74 7.60
C CYS B 13 -3.24 -9.65 6.08
N LYS B 14 -3.50 -8.48 5.53
CA LYS B 14 -3.19 -8.15 4.12
C LYS B 14 -2.16 -7.02 4.11
N ILE B 15 -0.95 -7.32 3.67
CA ILE B 15 0.05 -6.29 3.33
C ILE B 15 -0.05 -5.97 1.83
N ASP B 16 0.09 -6.99 0.99
CA ASP B 16 0.06 -6.90 -0.49
C ASP B 16 -1.24 -7.55 -0.99
N ILE B 17 -1.37 -8.86 -0.79
CA ILE B 17 -2.58 -9.62 -1.23
C ILE B 17 -3.31 -10.16 0.00
N GLU B 18 -4.59 -10.55 -0.20
CA GLU B 18 -5.48 -11.00 0.89
C GLU B 18 -4.80 -12.12 1.68
N LYS B 19 -4.83 -12.02 3.01
CA LYS B 19 -4.38 -13.11 3.91
C LYS B 19 -2.96 -13.54 3.51
N ASP B 20 -2.07 -12.57 3.29
CA ASP B 20 -0.69 -12.88 2.89
C ASP B 20 0.22 -12.94 4.12
N SER B 21 -0.31 -12.68 5.32
CA SER B 21 0.58 -12.56 6.50
C SER B 21 -0.15 -12.85 7.80
N LYS B 22 0.63 -13.25 8.81
CA LYS B 22 0.14 -13.46 10.19
C LYS B 22 0.89 -12.49 11.09
N LEU B 23 0.19 -11.47 11.56
CA LEU B 23 0.68 -10.59 12.66
C LEU B 23 0.22 -11.25 13.94
N THR B 24 1.14 -11.73 14.75
CA THR B 24 0.79 -12.29 16.08
C THR B 24 0.99 -11.13 17.06
N LEU B 25 -0.09 -10.67 17.68
CA LEU B 25 -0.03 -9.50 18.58
C LEU B 25 -0.77 -9.84 19.88
N VAL B 26 -0.07 -9.71 21.00
CA VAL B 26 -0.59 -9.93 22.37
C VAL B 26 -0.43 -8.63 23.14
N LEU B 27 -1.55 -8.07 23.57
CA LEU B 27 -1.61 -6.84 24.36
C LEU B 27 -2.12 -7.22 25.75
N THR B 28 -1.31 -6.98 26.77
CA THR B 28 -1.67 -7.32 28.16
C THR B 28 -1.79 -6.01 28.94
N LYS B 29 -2.95 -5.75 29.52
CA LYS B 29 -3.17 -4.55 30.33
C LYS B 29 -2.53 -4.78 31.71
N CYS B 30 -1.51 -3.99 32.03
CA CYS B 30 -0.86 -3.93 33.37
C CYS B 30 -1.07 -2.53 33.93
N GLY B 31 -2.27 -2.31 34.47
CA GLY B 31 -2.77 -0.99 34.91
C GLY B 31 -2.66 0.02 33.81
N SER B 32 -1.85 1.05 34.04
CA SER B 32 -1.73 2.26 33.19
C SER B 32 -1.01 1.94 31.87
N GLN B 33 -0.37 0.78 31.75
CA GLN B 33 0.51 0.44 30.61
C GLN B 33 0.02 -0.84 29.94
N ILE B 34 0.10 -0.85 28.62
CA ILE B 34 -0.08 -2.06 27.78
C ILE B 34 1.29 -2.67 27.53
N LEU B 35 1.48 -3.94 27.93
CA LEU B 35 2.69 -4.74 27.61
C LEU B 35 2.36 -5.46 26.30
N ALA B 36 3.15 -5.24 25.27
CA ALA B 36 2.84 -5.67 23.90
C ALA B 36 3.94 -6.61 23.40
N ASN B 37 3.51 -7.66 22.72
CA ASN B 37 4.44 -8.65 22.11
C ASN B 37 3.99 -8.82 20.66
N VAL B 38 4.90 -8.66 19.69
CA VAL B 38 4.54 -8.68 18.26
C VAL B 38 5.55 -9.53 17.47
N SER B 39 5.04 -10.28 16.51
CA SER B 39 5.88 -10.92 15.47
C SER B 39 5.09 -10.92 14.16
N LEU B 40 5.80 -11.15 13.06
CA LEU B 40 5.18 -11.13 11.71
C LEU B 40 5.79 -12.25 10.88
N ILE B 41 4.93 -13.05 10.28
CA ILE B 41 5.28 -14.09 9.28
C ILE B 41 4.54 -13.68 8.02
N ILE B 42 5.24 -13.56 6.91
CA ILE B 42 4.59 -13.29 5.61
C ILE B 42 4.58 -14.60 4.82
N VAL B 43 3.40 -15.05 4.43
CA VAL B 43 3.19 -16.41 3.88
C VAL B 43 2.88 -16.35 2.40
N ASN B 44 2.53 -15.18 1.84
CA ASN B 44 2.21 -15.07 0.39
C ASN B 44 2.49 -13.64 -0.05
N GLY B 45 2.25 -13.35 -1.32
CA GLY B 45 2.39 -12.00 -1.84
C GLY B 45 3.86 -11.62 -2.02
N LYS B 46 4.11 -10.37 -2.39
CA LYS B 46 5.41 -9.95 -2.95
C LYS B 46 6.45 -9.85 -1.83
N PHE B 47 6.02 -9.80 -0.57
CA PHE B 47 6.95 -9.64 0.58
C PHE B 47 7.22 -10.99 1.27
N LYS B 48 6.64 -12.07 0.79
CA LYS B 48 6.92 -13.41 1.36
C LYS B 48 8.43 -13.66 1.38
N ILE B 49 9.06 -13.49 0.22
CA ILE B 49 10.52 -13.63 0.06
C ILE B 49 11.02 -12.27 -0.44
N LEU B 50 11.83 -11.59 0.36
CA LEU B 50 12.41 -10.30 -0.05
C LEU B 50 13.43 -10.58 -1.15
N ASN B 51 13.11 -10.07 -2.36
CA ASN B 51 13.94 -10.23 -3.58
C ASN B 51 14.29 -8.82 -4.06
N ASN B 52 14.62 -7.89 -3.14
CA ASN B 52 15.00 -6.50 -3.51
C ASN B 52 16.20 -6.52 -4.46
N LYS B 53 17.13 -7.46 -4.29
CA LYS B 53 18.34 -7.47 -5.15
C LYS B 53 17.95 -7.70 -6.61
N THR B 54 16.98 -8.58 -6.88
CA THR B 54 16.61 -8.95 -8.27
C THR B 54 15.30 -8.28 -8.70
N ASP B 55 14.63 -7.53 -7.83
CA ASP B 55 13.43 -6.74 -8.20
C ASP B 55 13.52 -5.32 -7.61
N PRO B 56 14.12 -4.38 -8.35
CA PRO B 56 14.24 -2.99 -7.89
C PRO B 56 12.90 -2.25 -7.71
N SER B 57 11.78 -2.80 -8.20
CA SER B 57 10.43 -2.19 -8.01
C SER B 57 9.86 -2.61 -6.66
N LEU B 58 10.45 -3.60 -5.98
CA LEU B 58 9.92 -4.04 -4.67
C LEU B 58 10.24 -2.96 -3.64
N PRO B 59 9.23 -2.50 -2.86
CA PRO B 59 9.51 -1.59 -1.75
C PRO B 59 10.45 -2.19 -0.71
N LYS B 60 11.13 -1.30 0.02
CA LYS B 60 11.98 -1.64 1.19
C LYS B 60 11.29 -1.17 2.48
N SER B 61 9.98 -0.93 2.42
CA SER B 61 9.19 -0.66 3.63
C SER B 61 7.72 -0.91 3.34
N PHE B 62 6.99 -1.21 4.40
CA PHE B 62 5.51 -1.32 4.34
C PHE B 62 4.95 -1.05 5.74
N ASN B 63 3.64 -0.80 5.78
CA ASN B 63 2.90 -0.55 7.05
C ASN B 63 1.87 -1.67 7.28
N ILE B 64 1.70 -2.00 8.56
CA ILE B 64 0.50 -2.72 9.05
C ILE B 64 -0.17 -1.74 10.02
N LYS B 65 -1.35 -1.28 9.65
CA LYS B 65 -2.07 -0.22 10.40
C LYS B 65 -3.25 -0.83 11.14
N LEU B 66 -3.30 -0.59 12.45
CA LEU B 66 -4.48 -0.92 13.28
C LEU B 66 -5.17 0.42 13.56
N LEU B 67 -6.21 0.70 12.76
CA LEU B 67 -6.99 1.95 12.84
C LEU B 67 -8.19 1.58 13.68
N PHE B 68 -8.34 2.23 14.83
CA PHE B 68 -9.45 1.96 15.76
C PHE B 68 -10.49 3.08 15.68
N ASP B 69 -11.76 2.65 15.69
CA ASP B 69 -12.87 3.60 15.96
C ASP B 69 -12.80 3.98 17.45
N GLN B 70 -13.64 4.97 17.88
N GLN B 70 -13.62 5.01 17.90
CA GLN B 70 -13.58 5.47 19.28
CA GLN B 70 -13.59 5.50 19.32
C GLN B 70 -13.64 4.23 20.25
C GLN B 70 -13.64 4.23 20.26
N ASN B 71 -14.62 3.26 19.86
CA ASN B 71 -14.92 2.09 20.74
C ASN B 71 -13.69 1.16 20.91
N GLY B 72 -12.63 1.38 20.13
CA GLY B 72 -11.47 0.48 20.22
C GLY B 72 -11.65 -0.74 19.33
N VAL B 73 -12.46 -0.59 18.28
CA VAL B 73 -12.73 -1.67 17.32
C VAL B 73 -12.02 -1.27 16.02
N LEU B 74 -11.44 -2.29 15.35
CA LEU B 74 -10.75 -1.98 14.10
C LEU B 74 -11.73 -1.45 13.03
N LEU B 75 -11.27 -0.48 12.24
CA LEU B 75 -11.92 0.10 11.05
C LEU B 75 -11.48 -0.67 9.80
N GLU B 76 -12.29 -0.58 8.75
CA GLU B 76 -12.11 -1.41 7.53
C GLU B 76 -10.77 -1.13 6.84
N ASN B 77 -10.24 0.10 6.91
CA ASN B 77 -9.02 0.47 6.14
C ASN B 77 -7.79 -0.09 6.84
N SER B 78 -7.95 -0.71 8.02
CA SER B 78 -6.86 -1.43 8.72
C SER B 78 -6.35 -2.57 7.85
N ASN B 79 -5.13 -3.02 8.13
CA ASN B 79 -4.57 -4.17 7.40
C ASN B 79 -5.15 -5.48 7.94
N ILE B 80 -5.79 -5.44 9.10
CA ILE B 80 -6.40 -6.62 9.81
C ILE B 80 -7.87 -6.30 10.08
N GLU B 81 -8.74 -7.27 9.79
CA GLU B 81 -10.19 -7.13 10.03
C GLU B 81 -10.46 -7.14 11.53
N LYS B 82 -11.54 -6.49 11.97
CA LYS B 82 -11.91 -6.37 13.40
C LYS B 82 -12.08 -7.74 14.06
N GLN B 83 -12.46 -8.81 13.36
CA GLN B 83 -12.65 -10.13 14.04
C GLN B 83 -11.33 -10.69 14.60
N TYR B 84 -10.18 -10.19 14.14
CA TYR B 84 -8.89 -10.87 14.41
C TYR B 84 -8.27 -10.41 15.74
N LEU B 85 -8.93 -9.53 16.50
CA LEU B 85 -8.57 -9.17 17.91
C LEU B 85 -9.70 -9.59 18.86
N ASN B 86 -9.39 -10.40 19.87
CA ASN B 86 -10.37 -10.88 20.89
C ASN B 86 -9.79 -10.77 22.30
N PHE B 87 -10.66 -10.63 23.29
CA PHE B 87 -10.33 -10.84 24.73
C PHE B 87 -10.05 -12.31 25.05
N ARG B 88 -9.03 -12.53 25.88
CA ARG B 88 -8.68 -13.86 26.43
C ARG B 88 -9.61 -14.18 27.60
N SER B 89 -10.01 -15.46 27.73
CA SER B 89 -10.90 -15.97 28.82
C SER B 89 -10.35 -15.59 30.21
N GLY B 90 -11.25 -15.14 31.11
CA GLY B 90 -10.95 -14.55 32.43
C GLY B 90 -9.62 -14.99 33.02
N ASP B 91 -9.65 -16.07 33.82
CA ASP B 91 -8.52 -16.56 34.67
C ASP B 91 -8.02 -15.43 35.56
N LYS B 99 -17.73 -5.34 25.86
CA LYS B 99 -16.66 -5.76 24.94
C LYS B 99 -16.02 -4.51 24.29
N ASN B 100 -15.86 -3.41 25.04
CA ASN B 100 -15.13 -2.21 24.54
C ASN B 100 -13.65 -2.36 24.90
N ALA B 101 -12.80 -1.88 24.00
CA ALA B 101 -11.35 -2.08 24.08
C ALA B 101 -10.69 -0.73 24.33
N ILE B 102 -11.43 0.25 24.88
CA ILE B 102 -10.83 1.60 25.05
C ILE B 102 -9.64 1.49 26.03
N GLY B 103 -9.71 0.59 27.02
CA GLY B 103 -8.59 0.36 27.96
C GLY B 103 -7.29 -0.17 27.28
N PHE B 104 -7.34 -0.56 26.00
CA PHE B 104 -6.15 -1.01 25.22
C PHE B 104 -5.67 0.09 24.28
N MET B 105 -6.34 1.22 24.24
CA MET B 105 -6.06 2.26 23.23
C MET B 105 -4.92 3.14 23.72
N PRO B 106 -4.09 3.64 22.78
CA PRO B 106 -2.99 4.53 23.12
C PRO B 106 -3.55 5.86 23.65
N ASN B 107 -3.03 6.23 24.80
CA ASN B 107 -3.44 7.41 25.58
C ASN B 107 -3.38 8.68 24.74
N LEU B 108 -4.47 9.44 24.71
CA LEU B 108 -4.57 10.65 23.84
C LEU B 108 -3.74 11.80 24.40
N LEU B 109 -3.57 11.91 25.72
CA LEU B 109 -2.74 13.00 26.26
C LEU B 109 -1.25 12.71 26.01
N ALA B 110 -0.81 11.46 26.24
CA ALA B 110 0.59 11.10 26.03
C ALA B 110 0.91 11.10 24.52
N TYR B 111 -0.03 10.61 23.72
CA TYR B 111 0.17 10.43 22.26
C TYR B 111 -0.89 11.23 21.52
N ALA B 112 -0.72 12.54 21.50
CA ALA B 112 -1.72 13.44 20.94
C ALA B 112 -1.66 13.33 19.42
N LYS B 113 -2.80 13.51 18.78
CA LYS B 113 -2.80 13.64 17.30
C LYS B 113 -2.04 14.92 16.91
N ALA B 114 -1.53 14.96 15.68
CA ALA B 114 -1.02 16.20 15.08
C ALA B 114 -2.12 17.27 15.18
N THR B 115 -1.74 18.48 15.58
CA THR B 115 -2.65 19.62 15.90
C THR B 115 -3.28 20.15 14.60
N THR B 116 -2.54 20.04 13.50
CA THR B 116 -2.70 20.88 12.28
C THR B 116 -2.16 20.07 11.08
N ASP B 117 -2.57 20.47 9.87
CA ASP B 117 -2.16 19.85 8.58
C ASP B 117 -0.63 19.99 8.42
N GLN B 118 -0.06 21.10 8.93
CA GLN B 118 1.40 21.43 8.86
C GLN B 118 2.12 21.06 10.16
N SER B 119 1.42 20.57 11.18
CA SER B 119 2.06 20.14 12.45
C SER B 119 2.37 18.64 12.39
N LYS B 120 3.20 18.19 13.31
CA LYS B 120 3.47 16.74 13.41
C LYS B 120 3.36 16.36 14.88
N ILE B 121 3.32 15.07 15.09
CA ILE B 121 3.26 14.46 16.44
C ILE B 121 4.62 14.68 17.11
N TYR B 122 4.61 14.64 18.44
CA TYR B 122 5.84 14.50 19.25
C TYR B 122 6.44 13.12 19.00
N ALA B 123 7.76 13.05 19.11
CA ALA B 123 8.50 11.80 18.87
C ALA B 123 8.10 10.75 19.90
N ARG B 124 7.57 11.16 21.05
CA ARG B 124 7.23 10.14 22.08
C ARG B 124 6.11 9.25 21.59
N ASN B 125 5.35 9.65 20.56
CA ASN B 125 4.30 8.77 19.99
C ASN B 125 4.94 7.57 19.25
N THR B 126 6.28 7.51 19.13
CA THR B 126 6.96 6.45 18.35
C THR B 126 7.92 5.66 19.23
N ILE B 127 7.99 4.37 18.93
CA ILE B 127 9.02 3.43 19.44
C ILE B 127 9.79 2.88 18.24
N TYR B 128 11.11 2.85 18.33
CA TYR B 128 11.95 2.11 17.37
C TYR B 128 12.49 0.83 18.01
N GLY B 129 12.57 -0.20 17.19
CA GLY B 129 13.26 -1.46 17.51
C GLY B 129 13.90 -2.06 16.27
N ASN B 130 14.75 -3.02 16.53
CA ASN B 130 15.37 -3.84 15.47
C ASN B 130 14.89 -5.27 15.66
N ILE B 131 14.37 -5.83 14.60
CA ILE B 131 14.01 -7.28 14.53
C ILE B 131 14.79 -7.91 13.36
N TYR B 132 14.72 -9.23 13.24
CA TYR B 132 15.60 -9.97 12.34
C TYR B 132 14.78 -10.94 11.52
N LEU B 133 15.13 -11.04 10.25
CA LEU B 133 14.46 -11.99 9.35
C LEU B 133 15.20 -13.33 9.30
N ASP B 134 14.39 -14.38 9.27
CA ASP B 134 14.84 -15.77 9.10
C ASP B 134 15.80 -16.10 10.24
N ASN B 135 15.64 -15.46 11.39
CA ASN B 135 16.44 -15.77 12.61
C ASN B 135 17.94 -15.60 12.34
N GLN B 136 18.34 -14.54 11.64
CA GLN B 136 19.78 -14.24 11.47
C GLN B 136 20.04 -12.80 11.84
N PRO B 137 21.11 -12.55 12.61
CA PRO B 137 21.41 -11.20 13.07
C PRO B 137 21.89 -10.25 11.97
N TYR B 138 22.23 -10.80 10.80
CA TYR B 138 22.64 -10.01 9.62
C TYR B 138 21.44 -9.67 8.71
N ASN B 139 20.21 -9.97 9.13
CA ASN B 139 18.98 -9.58 8.37
C ASN B 139 18.15 -8.61 9.20
N PRO B 140 18.67 -7.43 9.59
CA PRO B 140 17.86 -6.49 10.38
C PRO B 140 16.75 -5.83 9.58
N VAL B 141 15.64 -5.61 10.28
CA VAL B 141 14.53 -4.73 9.84
C VAL B 141 14.29 -3.76 10.98
N VAL B 142 14.07 -2.47 10.66
CA VAL B 142 13.65 -1.47 11.66
C VAL B 142 12.14 -1.59 11.82
N ILE B 143 11.70 -1.91 13.03
CA ILE B 143 10.24 -1.84 13.33
C ILE B 143 9.99 -0.51 14.02
N LYS B 144 9.08 0.28 13.44
CA LYS B 144 8.78 1.61 13.96
C LYS B 144 7.30 1.62 14.31
N ILE B 145 6.98 1.77 15.59
CA ILE B 145 5.57 1.68 16.05
C ILE B 145 5.12 3.08 16.44
N THR B 146 4.09 3.59 15.77
CA THR B 146 3.59 4.95 16.04
C THR B 146 2.14 4.92 16.47
N PHE B 147 1.83 5.72 17.50
CA PHE B 147 0.49 5.82 18.10
C PHE B 147 -0.22 7.09 17.63
N ASN B 148 -1.47 6.92 17.21
CA ASN B 148 -2.46 8.04 17.08
C ASN B 148 -1.99 9.00 15.97
N ASN B 149 -1.41 8.48 14.89
CA ASN B 149 -0.89 9.35 13.81
C ASN B 149 -1.58 9.08 12.47
N GLU B 150 -2.78 8.50 12.45
CA GLU B 150 -3.48 8.12 11.18
C GLU B 150 -4.77 8.92 10.99
N ALA B 151 -4.99 9.41 9.76
CA ALA B 151 -6.24 10.04 9.29
C ALA B 151 -7.41 9.07 9.52
N ASP B 152 -8.60 9.65 9.73
CA ASP B 152 -9.89 8.94 9.64
C ASP B 152 -9.89 7.79 10.64
N SER B 153 -9.30 8.00 11.83
CA SER B 153 -9.30 6.98 12.92
C SER B 153 -9.32 7.67 14.28
N ALA B 154 -9.89 7.02 15.31
CA ALA B 154 -9.95 7.60 16.68
C ALA B 154 -8.63 7.36 17.40
N TYR B 155 -8.13 6.15 17.27
CA TYR B 155 -6.83 5.73 17.80
C TYR B 155 -6.17 4.94 16.68
N SER B 156 -4.85 4.81 16.78
CA SER B 156 -4.14 3.93 15.84
C SER B 156 -2.87 3.40 16.47
N ILE B 157 -2.54 2.20 16.07
CA ILE B 157 -1.18 1.62 16.22
C ILE B 157 -0.70 1.29 14.81
N THR B 158 0.39 1.89 14.38
CA THR B 158 0.98 1.62 13.05
C THR B 158 2.35 0.97 13.23
N PHE B 159 2.51 -0.18 12.60
CA PHE B 159 3.78 -0.92 12.55
C PHE B 159 4.37 -0.67 11.18
N ASN B 160 5.43 0.12 11.14
CA ASN B 160 6.20 0.36 9.90
C ASN B 160 7.43 -0.56 9.96
N TYR B 161 7.61 -1.31 8.91
CA TYR B 161 8.77 -2.21 8.73
C TYR B 161 9.61 -1.62 7.62
N SER B 162 10.88 -1.36 7.87
CA SER B 162 11.74 -0.82 6.81
C SER B 162 13.13 -1.45 6.90
N TRP B 163 13.81 -1.50 5.76
CA TRP B 163 15.17 -2.07 5.69
C TRP B 163 15.98 -1.36 4.62
N THR B 164 17.30 -1.42 4.77
CA THR B 164 18.26 -0.73 3.86
C THR B 164 19.00 -1.75 2.98
N LYS B 165 19.20 -2.98 3.45
CA LYS B 165 19.90 -4.03 2.66
C LYS B 165 19.06 -4.44 1.43
N ASP B 166 19.72 -4.65 0.29
CA ASP B 166 19.07 -5.18 -0.94
C ASP B 166 18.97 -6.68 -0.74
N TYR B 167 18.03 -7.11 0.09
CA TYR B 167 17.92 -8.52 0.48
C TYR B 167 17.73 -9.37 -0.77
N ASP B 168 18.34 -10.55 -0.72
CA ASP B 168 18.42 -11.45 -1.89
C ASP B 168 17.79 -12.78 -1.47
N ASN B 169 16.48 -12.89 -1.70
N ASN B 169 16.50 -13.02 -1.70
CA ASN B 169 15.61 -14.08 -1.46
CA ASN B 169 15.87 -14.35 -1.40
C ASN B 169 15.72 -14.47 0.02
C ASN B 169 15.75 -14.56 0.12
N ILE B 170 15.37 -13.53 0.89
CA ILE B 170 15.29 -13.68 2.39
C ILE B 170 13.82 -13.77 2.78
N PRO B 171 13.36 -14.86 3.43
CA PRO B 171 11.96 -14.97 3.82
C PRO B 171 11.65 -13.95 4.92
N PHE B 172 10.51 -13.28 4.82
CA PHE B 172 10.03 -12.35 5.88
C PHE B 172 9.34 -13.18 6.97
N ASP B 173 10.18 -13.79 7.78
CA ASP B 173 9.84 -14.60 8.96
C ASP B 173 10.55 -13.92 10.15
N SER B 174 9.84 -13.06 10.88
CA SER B 174 10.45 -12.08 11.81
C SER B 174 10.58 -12.67 13.21
N THR B 175 11.62 -12.23 13.90
CA THR B 175 11.79 -12.46 15.33
C THR B 175 10.78 -11.60 16.09
N SER B 176 10.62 -11.91 17.36
CA SER B 176 9.63 -11.27 18.25
C SER B 176 10.21 -9.99 18.85
N PHE B 177 9.30 -9.08 19.23
CA PHE B 177 9.66 -7.77 19.81
C PHE B 177 8.65 -7.44 20.89
N THR B 178 9.16 -6.96 22.01
CA THR B 178 8.36 -6.51 23.17
C THR B 178 8.45 -4.98 23.27
N PHE B 179 7.34 -4.32 23.61
CA PHE B 179 7.29 -2.88 23.89
C PHE B 179 6.11 -2.63 24.82
N SER B 180 5.99 -1.39 25.27
CA SER B 180 4.84 -1.00 26.10
C SER B 180 4.40 0.38 25.64
N TYR B 181 3.19 0.73 25.97
CA TYR B 181 2.67 2.11 25.75
C TYR B 181 1.66 2.42 26.83
N ILE B 182 1.42 3.70 26.97
CA ILE B 182 0.48 4.21 28.01
C ILE B 182 -0.96 4.08 27.49
N ALA B 183 -1.83 3.50 28.32
CA ALA B 183 -3.25 3.20 27.99
C ALA B 183 -4.16 4.43 28.19
N GLN B 184 -5.18 4.55 27.35
CA GLN B 184 -6.16 5.68 27.38
C GLN B 184 -6.91 5.70 28.73
N GLU B 185 -7.24 4.54 29.27
CA GLU B 185 -8.05 4.47 30.53
C GLU B 185 -7.83 3.09 31.13
#